data_4AN6
#
_entry.id   4AN6
#
_cell.length_a   40.431
_cell.length_b   60.428
_cell.length_c   105.536
_cell.angle_alpha   90.00
_cell.angle_beta   90.00
_cell.angle_gamma   90.00
#
_symmetry.space_group_name_H-M   'P 21 21 21'
#
loop_
_entity.id
_entity.type
_entity.pdbx_description
1 polymer 'TRYPSIN INHIBITOR'
2 water water
#
_entity_poly.entity_id   1
_entity_poly.type   'polypeptide(L)'
_entity_poly.pdbx_seq_one_letter_code
;DYTVHDTDGKPVLNNAGQYYILPAKQGKGGGLGLSNDDDGNCPLTVSQTPIDLPIGLPVRFSSRARISHITTALSLNIEF
TIAPACAPKPARWRIFNEQSSEKGYTPVKISDDFSSAAPFQIKKFEEDYKLVYCSKSESGERKCVDLGIKIDDEKNRRLV
LKEGDPFKVKFKKVDEESSEEWSIV
;
_entity_poly.pdbx_strand_id   A,B
#
# COMPACT_ATOMS: atom_id res chain seq x y z
N TYR A 2 -13.39 -8.62 18.92
CA TYR A 2 -12.44 -9.03 20.00
C TYR A 2 -11.19 -8.14 19.97
N THR A 3 -10.79 -7.61 21.12
CA THR A 3 -9.50 -6.88 21.21
C THR A 3 -8.39 -7.95 21.18
N VAL A 4 -7.33 -7.72 20.41
CA VAL A 4 -6.22 -8.66 20.35
C VAL A 4 -5.30 -8.45 21.57
N HIS A 5 -5.04 -9.51 22.32
CA HIS A 5 -4.22 -9.42 23.53
C HIS A 5 -2.86 -10.04 23.28
N ASP A 6 -1.83 -9.51 23.94
CA ASP A 6 -0.48 -10.07 23.85
C ASP A 6 -0.36 -11.22 24.85
N THR A 7 0.81 -11.86 24.92
CA THR A 7 1.02 -13.00 25.82
C THR A 7 0.91 -12.63 27.32
N ASP A 8 1.00 -11.34 27.63
CA ASP A 8 0.77 -10.82 29.00
C ASP A 8 -0.68 -10.46 29.26
N GLY A 9 -1.57 -10.72 28.31
CA GLY A 9 -2.98 -10.34 28.41
C GLY A 9 -3.32 -8.86 28.14
N LYS A 10 -2.39 -8.10 27.56
CA LYS A 10 -2.62 -6.66 27.36
C LYS A 10 -3.03 -6.35 25.93
N PRO A 11 -3.93 -5.37 25.74
CA PRO A 11 -4.31 -5.04 24.36
C PRO A 11 -3.10 -4.72 23.49
N VAL A 12 -3.09 -5.20 22.26
CA VAL A 12 -2.00 -4.92 21.32
C VAL A 12 -2.18 -3.53 20.74
N LEU A 13 -1.10 -2.75 20.74
CA LEU A 13 -1.13 -1.36 20.32
C LEU A 13 -1.32 -1.23 18.81
N ASN A 14 -2.01 -0.17 18.43
CA ASN A 14 -2.15 0.26 17.05
C ASN A 14 -1.10 1.32 16.72
N ASN A 15 -0.31 1.06 15.68
CA ASN A 15 0.73 1.97 15.16
C ASN A 15 1.77 2.38 16.19
N ALA A 16 2.03 1.50 17.15
CA ALA A 16 3.02 1.82 18.17
C ALA A 16 3.47 0.53 18.83
N GLY A 17 4.57 0.63 19.56
CA GLY A 17 5.20 -0.51 20.18
C GLY A 17 5.77 -1.54 19.22
N GLN A 18 6.23 -2.66 19.78
CA GLN A 18 6.86 -3.73 19.01
C GLN A 18 6.41 -5.09 19.56
N TYR A 19 6.11 -6.03 18.65
CA TYR A 19 5.65 -7.38 19.01
C TYR A 19 6.35 -8.45 18.20
N TYR A 20 6.69 -9.58 18.83
CA TYR A 20 7.02 -10.79 18.09
C TYR A 20 5.74 -11.53 17.79
N ILE A 21 5.66 -12.03 16.55
CA ILE A 21 4.69 -13.01 16.15
C ILE A 21 5.31 -14.39 16.38
N LEU A 22 4.82 -15.07 17.41
CA LEU A 22 5.34 -16.37 17.78
C LEU A 22 4.34 -17.44 17.38
N PRO A 23 4.83 -18.67 17.12
CA PRO A 23 3.91 -19.77 16.96
C PRO A 23 3.15 -19.94 18.25
N ALA A 24 1.86 -20.25 18.16
CA ALA A 24 1.11 -20.56 19.36
C ALA A 24 1.34 -22.02 19.75
N LYS A 25 1.65 -22.85 18.76
CA LYS A 25 1.86 -24.30 18.96
C LYS A 25 3.30 -24.75 18.84
N GLN A 26 3.70 -25.64 19.72
CA GLN A 26 5.04 -26.19 19.68
C GLN A 26 5.25 -26.98 18.39
N GLY A 27 6.22 -26.53 17.60
CA GLY A 27 6.50 -27.08 16.30
C GLY A 27 8.00 -27.05 15.99
N LYS A 28 8.34 -26.90 14.73
CA LYS A 28 9.70 -27.09 14.24
C LYS A 28 10.44 -25.79 13.98
N GLY A 29 9.85 -24.66 14.37
CA GLY A 29 10.46 -23.35 14.16
C GLY A 29 10.03 -22.36 15.25
N GLY A 30 10.63 -21.18 15.23
CA GLY A 30 10.34 -20.15 16.20
C GLY A 30 9.51 -19.02 15.60
N GLY A 31 9.69 -17.82 16.13
CA GLY A 31 8.94 -16.66 15.68
C GLY A 31 9.29 -16.23 14.28
N LEU A 32 8.43 -15.39 13.72
CA LEU A 32 8.61 -14.92 12.36
C LEU A 32 9.78 -13.94 12.27
N GLY A 33 10.63 -14.12 11.27
CA GLY A 33 11.73 -13.23 10.99
C GLY A 33 11.80 -13.04 9.50
N LEU A 34 13.00 -12.73 9.01
CA LEU A 34 13.25 -12.57 7.59
C LEU A 34 14.33 -13.54 7.16
N SER A 35 14.14 -14.12 5.97
CA SER A 35 15.15 -14.96 5.32
C SER A 35 15.21 -14.61 3.84
N ASN A 36 16.26 -15.10 3.19
CA ASN A 36 16.49 -14.81 1.79
C ASN A 36 16.03 -15.99 0.97
N ASP A 37 14.81 -15.87 0.42
CA ASP A 37 14.20 -16.86 -0.44
C ASP A 37 14.01 -16.27 -1.83
N ASP A 38 14.96 -16.53 -2.73
CA ASP A 38 14.90 -16.05 -4.10
C ASP A 38 14.84 -14.51 -4.18
N ASP A 39 15.43 -13.84 -3.18
CA ASP A 39 15.34 -12.38 -3.03
C ASP A 39 16.58 -11.63 -3.46
N GLY A 40 17.65 -12.35 -3.80
CA GLY A 40 18.88 -11.71 -4.23
C GLY A 40 19.80 -11.35 -3.07
N ASN A 41 20.13 -10.07 -2.94
CA ASN A 41 21.15 -9.65 -1.96
C ASN A 41 20.63 -9.35 -0.56
N CYS A 42 19.32 -9.38 -0.38
CA CYS A 42 18.69 -8.94 0.88
C CYS A 42 17.61 -9.94 1.33
N PRO A 43 17.53 -10.28 2.64
CA PRO A 43 16.49 -11.22 3.06
C PRO A 43 15.13 -10.54 3.14
N LEU A 44 14.22 -10.86 2.22
CA LEU A 44 12.94 -10.17 2.12
C LEU A 44 11.73 -11.05 2.42
N THR A 45 11.94 -12.33 2.75
CA THR A 45 10.84 -13.27 2.89
C THR A 45 10.52 -13.52 4.37
N VAL A 46 9.25 -13.41 4.73
CA VAL A 46 8.80 -13.62 6.10
C VAL A 46 8.77 -15.13 6.31
N SER A 47 9.50 -15.56 7.34
CA SER A 47 9.83 -16.96 7.58
C SER A 47 9.94 -17.23 9.05
N GLN A 48 9.66 -18.47 9.46
CA GLN A 48 9.94 -18.90 10.82
C GLN A 48 11.43 -18.99 11.02
N THR A 49 11.90 -18.60 12.19
CA THR A 49 13.30 -18.79 12.54
C THR A 49 13.52 -20.26 12.88
N PRO A 50 14.79 -20.70 12.84
CA PRO A 50 15.06 -22.08 13.24
C PRO A 50 14.91 -22.24 14.74
N ILE A 51 14.65 -23.46 15.18
CA ILE A 51 14.29 -23.69 16.57
C ILE A 51 15.40 -23.27 17.55
N ASP A 52 16.65 -23.32 17.11
CA ASP A 52 17.79 -22.88 17.93
C ASP A 52 17.88 -21.37 18.14
N LEU A 53 17.26 -20.61 17.23
CA LEU A 53 17.09 -19.17 17.42
C LEU A 53 15.61 -18.79 17.37
N PRO A 54 14.86 -19.12 18.43
CA PRO A 54 13.40 -19.03 18.38
C PRO A 54 12.79 -17.61 18.28
N ILE A 55 13.62 -16.56 18.39
CA ILE A 55 13.11 -15.19 18.30
C ILE A 55 13.48 -14.61 16.94
N GLY A 56 12.48 -14.13 16.24
CA GLY A 56 12.67 -13.51 14.95
C GLY A 56 12.82 -12.02 15.12
N LEU A 57 11.99 -11.26 14.40
CA LEU A 57 12.07 -9.80 14.42
C LEU A 57 10.74 -9.17 14.88
N PRO A 58 10.82 -8.04 15.63
CA PRO A 58 9.58 -7.40 16.05
C PRO A 58 8.80 -6.73 14.93
N VAL A 59 7.48 -6.69 15.07
CA VAL A 59 6.63 -6.00 14.10
C VAL A 59 5.82 -4.92 14.80
N ARG A 60 5.33 -3.98 13.99
CA ARG A 60 4.35 -2.99 14.42
C ARG A 60 3.13 -3.17 13.55
N PHE A 61 1.96 -3.12 14.18
CA PHE A 61 0.69 -3.26 13.50
C PHE A 61 0.09 -1.86 13.31
N SER A 62 -0.39 -1.58 12.10
CA SER A 62 -0.92 -0.25 11.77
C SER A 62 -2.26 -0.36 11.09
N SER A 63 -3.22 0.38 11.63
CA SER A 63 -4.57 0.52 11.08
C SER A 63 -4.92 1.99 10.99
N ARG A 64 -5.84 2.34 10.08
CA ARG A 64 -6.43 3.70 10.00
C ARG A 64 -7.29 4.01 11.19
N ALA A 65 -7.68 2.97 11.93
CA ALA A 65 -8.71 3.11 12.95
C ALA A 65 -8.27 4.09 14.02
N ARG A 66 -9.17 4.98 14.39
CA ARG A 66 -8.86 6.03 15.35
C ARG A 66 -9.00 5.41 16.74
N ILE A 67 -8.06 4.51 17.03
CA ILE A 67 -8.00 3.80 18.30
C ILE A 67 -6.57 3.43 18.59
N SER A 68 -6.28 3.27 19.88
CA SER A 68 -4.94 3.03 20.36
C SER A 68 -4.56 1.55 20.35
N HIS A 69 -5.54 0.66 20.16
CA HIS A 69 -5.29 -0.77 20.18
C HIS A 69 -6.01 -1.50 19.06
N ILE A 70 -5.53 -2.70 18.77
CA ILE A 70 -6.05 -3.46 17.65
C ILE A 70 -7.09 -4.51 18.07
N THR A 71 -8.10 -4.65 17.23
CA THR A 71 -9.11 -5.67 17.41
C THR A 71 -9.09 -6.62 16.20
N THR A 72 -9.83 -7.72 16.29
CA THR A 72 -9.97 -8.65 15.17
C THR A 72 -10.81 -8.08 13.99
N ALA A 73 -11.45 -6.93 14.19
CA ALA A 73 -12.19 -6.23 13.13
C ALA A 73 -11.36 -5.34 12.18
N LEU A 74 -10.12 -5.00 12.53
CA LEU A 74 -9.39 -3.97 11.80
C LEU A 74 -8.65 -4.50 10.56
N SER A 75 -8.59 -3.69 9.51
CA SER A 75 -7.66 -3.93 8.40
C SER A 75 -6.30 -3.37 8.85
N LEU A 76 -5.26 -4.20 8.71
CA LEU A 76 -3.91 -3.90 9.23
C LEU A 76 -2.85 -3.92 8.15
N ASN A 77 -1.86 -3.04 8.29
CA ASN A 77 -0.53 -3.29 7.75
C ASN A 77 0.40 -3.74 8.85
N ILE A 78 1.42 -4.50 8.46
CA ILE A 78 2.36 -5.11 9.39
C ILE A 78 3.74 -4.79 8.86
N GLU A 79 4.60 -4.26 9.73
CA GLU A 79 5.97 -3.98 9.35
C GLU A 79 6.94 -4.41 10.43
N PHE A 80 8.08 -4.93 9.99
CA PHE A 80 9.19 -5.23 10.88
C PHE A 80 9.83 -3.92 11.29
N THR A 81 10.01 -3.75 12.59
CA THR A 81 10.62 -2.56 13.13
C THR A 81 12.15 -2.67 13.23
N ILE A 82 12.66 -3.88 13.13
CA ILE A 82 14.09 -4.09 13.03
C ILE A 82 14.26 -4.87 11.74
N ALA A 83 15.08 -4.36 10.83
CA ALA A 83 15.30 -5.01 9.55
C ALA A 83 16.71 -4.76 9.03
N PRO A 84 17.17 -5.60 8.09
CA PRO A 84 18.53 -5.44 7.58
C PRO A 84 18.67 -4.11 6.87
N ALA A 85 19.88 -3.56 6.88
CA ALA A 85 20.13 -2.25 6.28
C ALA A 85 19.92 -2.26 4.76
N CYS A 86 19.92 -3.44 4.16
CA CYS A 86 19.72 -3.58 2.71
C CYS A 86 18.25 -3.45 2.32
N ALA A 87 17.38 -3.49 3.33
CA ALA A 87 15.95 -3.67 3.11
C ALA A 87 15.28 -2.36 2.87
N PRO A 88 14.07 -2.43 2.30
CA PRO A 88 13.32 -1.25 1.93
C PRO A 88 12.72 -0.65 3.17
N LYS A 89 12.42 0.66 3.13
CA LYS A 89 11.76 1.37 4.23
C LYS A 89 10.43 1.98 3.77
N PRO A 90 9.32 1.60 4.44
CA PRO A 90 9.21 0.66 5.55
C PRO A 90 9.32 -0.77 5.10
N ALA A 91 9.61 -1.66 6.05
CA ALA A 91 9.69 -3.10 5.79
C ALA A 91 8.29 -3.68 5.95
N ARG A 92 7.42 -3.28 5.03
CA ARG A 92 6.00 -3.60 5.10
C ARG A 92 5.64 -4.91 4.43
N TRP A 93 4.86 -5.74 5.12
CA TRP A 93 4.46 -7.03 4.58
C TRP A 93 3.57 -6.88 3.36
N ARG A 94 3.78 -7.72 2.36
CA ARG A 94 2.95 -7.74 1.17
C ARG A 94 3.06 -9.10 0.50
N ILE A 95 2.11 -9.43 -0.38
CA ILE A 95 2.33 -10.55 -1.30
C ILE A 95 2.51 -10.03 -2.72
N PHE A 96 3.32 -10.74 -3.50
CA PHE A 96 3.48 -10.42 -4.91
C PHE A 96 2.64 -11.39 -5.74
N ASN A 97 1.49 -10.91 -6.20
CA ASN A 97 0.69 -11.68 -7.13
C ASN A 97 -0.17 -10.74 -7.95
N GLU A 98 0.17 -10.62 -9.23
CA GLU A 98 -0.56 -9.76 -10.18
C GLU A 98 -2.08 -10.06 -10.23
N GLN A 99 -2.75 -9.73 -9.12
CA GLN A 99 -4.19 -9.92 -8.96
C GLN A 99 -4.66 -11.30 -9.45
N SER A 100 -3.92 -12.34 -9.06
CA SER A 100 -4.29 -13.70 -9.43
C SER A 100 -5.55 -14.16 -8.70
N SER A 101 -6.43 -14.77 -9.47
CA SER A 101 -7.65 -15.41 -8.96
C SER A 101 -7.32 -16.45 -7.88
N GLU A 102 -6.16 -17.08 -7.97
CA GLU A 102 -5.72 -18.01 -6.95
C GLU A 102 -4.41 -17.55 -6.36
N LYS A 103 -4.41 -17.42 -5.04
CA LYS A 103 -3.41 -16.64 -4.34
C LYS A 103 -2.57 -17.51 -3.37
N GLY A 104 -2.98 -18.78 -3.21
CA GLY A 104 -2.37 -19.69 -2.25
C GLY A 104 -0.92 -20.06 -2.53
N TYR A 105 -0.16 -20.28 -1.46
CA TYR A 105 1.27 -20.58 -1.46
C TYR A 105 2.15 -19.52 -2.13
N THR A 106 1.67 -18.28 -2.15
CA THR A 106 2.49 -17.13 -2.45
C THR A 106 3.09 -16.65 -1.12
N PRO A 107 4.43 -16.50 -1.06
CA PRO A 107 5.03 -16.12 0.23
C PRO A 107 4.81 -14.64 0.57
N VAL A 108 4.75 -14.35 1.86
CA VAL A 108 4.68 -12.96 2.34
C VAL A 108 6.09 -12.43 2.31
N LYS A 109 6.29 -11.29 1.65
CA LYS A 109 7.59 -10.67 1.57
C LYS A 109 7.54 -9.25 2.11
N ILE A 110 8.67 -8.61 2.35
CA ILE A 110 8.63 -7.18 2.74
C ILE A 110 8.83 -6.32 1.50
N SER A 111 8.16 -5.18 1.49
CA SER A 111 8.24 -4.22 0.40
C SER A 111 8.03 -2.81 0.84
N ASP A 112 8.56 -1.92 0.01
CA ASP A 112 8.44 -0.46 0.01
C ASP A 112 7.01 0.03 -0.21
N ASP A 113 6.27 -0.73 -1.03
CA ASP A 113 4.94 -0.35 -1.47
C ASP A 113 4.13 0.23 -0.32
N PHE A 114 3.65 1.46 -0.52
CA PHE A 114 3.01 2.22 0.54
C PHE A 114 1.65 2.72 0.12
N SER A 115 0.62 2.24 0.81
CA SER A 115 -0.69 2.85 0.72
C SER A 115 -1.49 2.63 1.99
N SER A 116 -2.71 3.17 2.02
CA SER A 116 -3.63 2.89 3.12
C SER A 116 -4.38 1.57 2.96
N ALA A 117 -4.29 0.93 1.80
CA ALA A 117 -4.77 -0.45 1.66
C ALA A 117 -4.06 -1.32 2.70
N ALA A 118 -4.84 -2.06 3.46
CA ALA A 118 -4.35 -2.76 4.65
C ALA A 118 -4.95 -4.15 4.60
N PRO A 119 -4.27 -5.09 3.92
CA PRO A 119 -4.91 -6.35 3.61
C PRO A 119 -4.89 -7.38 4.74
N PHE A 120 -4.09 -7.20 5.79
CA PHE A 120 -3.99 -8.23 6.84
C PHE A 120 -5.02 -8.03 7.92
N GLN A 121 -5.48 -9.13 8.51
CA GLN A 121 -6.31 -8.98 9.70
C GLN A 121 -5.91 -10.08 10.66
N ILE A 122 -6.13 -9.84 11.94
CA ILE A 122 -5.91 -10.85 12.96
C ILE A 122 -7.28 -11.41 13.34
N LYS A 123 -7.38 -12.74 13.36
CA LYS A 123 -8.60 -13.41 13.74
C LYS A 123 -8.36 -14.35 14.89
N LYS A 124 -9.41 -14.62 15.65
CA LYS A 124 -9.30 -15.56 16.74
C LYS A 124 -9.12 -16.98 16.16
N PHE A 125 -8.25 -17.75 16.81
CA PHE A 125 -8.05 -19.15 16.42
C PHE A 125 -7.90 -19.97 17.69
N GLU A 126 -8.99 -20.64 18.06
CA GLU A 126 -9.10 -21.34 19.33
C GLU A 126 -8.69 -20.38 20.45
N GLU A 127 -7.72 -20.73 21.29
CA GLU A 127 -7.26 -19.87 22.38
C GLU A 127 -6.41 -18.70 21.92
N ASP A 128 -5.91 -18.74 20.69
CA ASP A 128 -4.95 -17.73 20.25
C ASP A 128 -5.46 -17.08 18.96
N TYR A 129 -4.57 -16.84 17.99
CA TYR A 129 -4.94 -16.05 16.82
C TYR A 129 -4.42 -16.68 15.54
N LYS A 130 -4.96 -16.22 14.42
CA LYS A 130 -4.37 -16.49 13.12
C LYS A 130 -4.25 -15.16 12.38
N LEU A 131 -3.45 -15.16 11.32
CA LEU A 131 -3.32 -14.04 10.41
C LEU A 131 -4.05 -14.43 9.14
N VAL A 132 -4.75 -13.46 8.55
CA VAL A 132 -5.36 -13.62 7.26
C VAL A 132 -4.99 -12.44 6.35
N TYR A 133 -5.11 -12.69 5.05
CA TYR A 133 -4.83 -11.71 3.99
C TYR A 133 -6.07 -11.56 3.13
N CYS A 134 -6.59 -10.33 3.11
CA CYS A 134 -7.83 -10.02 2.38
C CYS A 134 -7.53 -9.17 1.17
N SER A 135 -8.01 -9.59 0.00
CA SER A 135 -7.90 -8.77 -1.21
C SER A 135 -8.87 -9.26 -2.26
N LYS A 136 -9.03 -8.51 -3.34
CA LYS A 136 -9.80 -8.93 -4.49
C LYS A 136 -8.84 -9.43 -5.58
N SER A 137 -9.35 -10.20 -6.53
CA SER A 137 -8.52 -10.65 -7.64
C SER A 137 -8.90 -9.94 -8.93
N GLU A 138 -8.22 -10.32 -10.01
CA GLU A 138 -8.65 -9.98 -11.35
C GLU A 138 -10.12 -10.32 -11.59
N SER A 139 -10.69 -11.24 -10.82
CA SER A 139 -12.09 -11.61 -10.99
C SER A 139 -13.04 -10.71 -10.20
N GLY A 140 -12.49 -9.84 -9.36
CA GLY A 140 -13.28 -8.92 -8.54
C GLY A 140 -13.67 -9.41 -7.16
N GLU A 141 -13.46 -10.70 -6.88
CA GLU A 141 -13.96 -11.33 -5.66
C GLU A 141 -13.08 -11.01 -4.46
N ARG A 142 -13.67 -10.51 -3.38
CA ARG A 142 -12.97 -10.33 -2.11
C ARG A 142 -12.82 -11.68 -1.43
N LYS A 143 -11.60 -12.04 -1.06
CA LYS A 143 -11.34 -13.25 -0.29
C LYS A 143 -10.39 -12.91 0.84
N CYS A 144 -10.65 -13.44 2.02
CA CYS A 144 -9.67 -13.40 3.10
C CYS A 144 -9.13 -14.80 3.27
N VAL A 145 -7.83 -14.94 3.12
CA VAL A 145 -7.22 -16.24 3.05
C VAL A 145 -6.30 -16.39 4.25
N ASP A 146 -6.41 -17.52 4.95
CA ASP A 146 -5.50 -17.82 6.07
C ASP A 146 -4.06 -17.80 5.59
N LEU A 147 -3.19 -17.29 6.46
CA LEU A 147 -1.76 -17.41 6.32
C LEU A 147 -1.30 -18.64 7.10
N GLY A 148 -0.46 -19.46 6.46
CA GLY A 148 0.06 -20.68 7.04
C GLY A 148 1.53 -20.79 6.72
N ILE A 149 2.12 -21.91 7.14
CA ILE A 149 3.55 -22.19 6.94
C ILE A 149 3.77 -23.25 5.85
N LYS A 150 4.67 -22.95 4.93
CA LYS A 150 5.18 -23.88 3.93
C LYS A 150 6.52 -24.42 4.39
N ILE A 151 6.67 -25.74 4.40
CA ILE A 151 7.92 -26.36 4.84
C ILE A 151 8.80 -26.70 3.64
N ASP A 152 9.93 -26.00 3.54
CA ASP A 152 10.82 -26.11 2.40
C ASP A 152 12.26 -25.73 2.76
N ASN A 156 14.46 -22.27 6.73
CA ASN A 156 13.53 -21.26 7.23
C ASN A 156 12.17 -21.43 6.57
N ARG A 157 11.17 -21.83 7.34
CA ARG A 157 9.87 -22.18 6.79
C ARG A 157 9.03 -20.91 6.54
N ARG A 158 8.53 -20.78 5.30
CA ARG A 158 7.95 -19.52 4.82
C ARG A 158 6.49 -19.30 5.18
N LEU A 159 6.16 -18.06 5.50
CA LEU A 159 4.79 -17.68 5.70
C LEU A 159 4.16 -17.43 4.32
N VAL A 160 3.09 -18.17 4.04
CA VAL A 160 2.40 -18.15 2.73
C VAL A 160 0.88 -18.12 2.92
N LEU A 161 0.16 -17.70 1.87
CA LEU A 161 -1.27 -17.94 1.80
C LEU A 161 -1.52 -19.44 1.78
N LYS A 162 -2.41 -19.90 2.65
CA LYS A 162 -2.68 -21.33 2.80
C LYS A 162 -4.09 -21.54 3.36
N GLU A 163 -5.10 -21.41 2.50
CA GLU A 163 -6.51 -21.41 2.96
C GLU A 163 -6.88 -22.54 3.92
N GLY A 164 -6.42 -23.75 3.71
CA GLY A 164 -6.87 -24.79 4.64
C GLY A 164 -6.18 -24.88 6.00
N ASP A 165 -5.21 -24.02 6.27
CA ASP A 165 -4.20 -24.41 7.22
C ASP A 165 -3.52 -23.24 7.90
N PRO A 166 -4.25 -22.54 8.78
CA PRO A 166 -3.69 -21.35 9.41
C PRO A 166 -2.59 -21.70 10.39
N PHE A 167 -1.59 -20.84 10.42
CA PHE A 167 -0.48 -20.90 11.36
C PHE A 167 -0.98 -20.21 12.62
N LYS A 168 -1.13 -20.95 13.72
CA LYS A 168 -1.69 -20.38 14.95
C LYS A 168 -0.62 -19.51 15.59
N VAL A 169 -0.96 -18.26 15.93
CA VAL A 169 0.03 -17.31 16.44
C VAL A 169 -0.39 -16.65 17.75
N LYS A 170 0.63 -16.20 18.50
CA LYS A 170 0.45 -15.32 19.64
C LYS A 170 1.43 -14.17 19.53
N PHE A 171 1.20 -13.13 20.33
CA PHE A 171 1.95 -11.86 20.22
C PHE A 171 2.64 -11.47 21.53
N LYS A 172 3.97 -11.40 21.47
CA LYS A 172 4.80 -11.08 22.62
C LYS A 172 5.30 -9.65 22.49
N LYS A 173 4.95 -8.83 23.48
CA LYS A 173 5.32 -7.42 23.51
C LYS A 173 6.81 -7.27 23.82
N VAL A 174 7.52 -6.55 22.96
CA VAL A 174 8.91 -6.21 23.20
C VAL A 174 8.94 -4.90 23.96
N ASP A 175 8.48 -3.83 23.31
CA ASP A 175 8.63 -2.48 23.81
C ASP A 175 7.36 -1.71 23.45
N GLU A 176 7.20 -0.53 24.04
CA GLU A 176 6.07 0.37 23.74
C GLU A 176 6.44 1.45 22.72
N TYR B 2 -16.92 21.62 -16.06
CA TYR B 2 -17.69 20.68 -15.21
C TYR B 2 -17.06 20.60 -13.84
N THR B 3 -17.87 20.71 -12.79
CA THR B 3 -17.43 20.44 -11.44
C THR B 3 -17.17 18.94 -11.36
N VAL B 4 -16.10 18.55 -10.68
CA VAL B 4 -15.74 17.14 -10.49
C VAL B 4 -16.50 16.61 -9.27
N HIS B 5 -17.17 15.47 -9.42
CA HIS B 5 -17.89 14.84 -8.32
C HIS B 5 -17.20 13.55 -7.85
N ASP B 6 -17.27 13.31 -6.54
CA ASP B 6 -16.77 12.09 -5.94
C ASP B 6 -17.72 10.91 -6.13
N THR B 7 -17.39 9.75 -5.57
CA THR B 7 -18.17 8.53 -5.78
C THR B 7 -19.60 8.60 -5.25
N ASP B 8 -19.81 9.45 -4.25
CA ASP B 8 -21.15 9.70 -3.69
C ASP B 8 -21.98 10.66 -4.55
N GLY B 9 -21.31 11.38 -5.46
CA GLY B 9 -21.94 12.35 -6.34
C GLY B 9 -21.73 13.78 -5.88
N LYS B 10 -20.97 13.94 -4.80
CA LYS B 10 -20.77 15.27 -4.21
C LYS B 10 -19.52 15.94 -4.82
N PRO B 11 -19.60 17.25 -5.08
CA PRO B 11 -18.45 17.94 -5.63
C PRO B 11 -17.19 17.66 -4.83
N VAL B 12 -16.07 17.41 -5.54
CA VAL B 12 -14.77 17.26 -4.90
C VAL B 12 -14.36 18.59 -4.29
N LEU B 13 -13.87 18.55 -3.06
CA LEU B 13 -13.42 19.78 -2.41
C LEU B 13 -12.06 20.23 -2.93
N ASN B 14 -11.93 21.53 -3.14
CA ASN B 14 -10.67 22.20 -3.38
C ASN B 14 -10.04 22.66 -2.04
N ASN B 15 -8.78 22.33 -1.84
CA ASN B 15 -8.01 22.79 -0.67
C ASN B 15 -8.43 22.21 0.68
N ALA B 16 -9.47 21.40 0.70
CA ALA B 16 -9.84 20.69 1.91
C ALA B 16 -10.33 19.31 1.53
N GLY B 17 -10.52 18.48 2.55
CA GLY B 17 -10.96 17.13 2.32
C GLY B 17 -9.84 16.29 1.75
N GLN B 18 -10.07 14.99 1.76
CA GLN B 18 -9.10 13.99 1.28
C GLN B 18 -9.82 12.96 0.44
N TYR B 19 -9.15 12.51 -0.61
CA TYR B 19 -9.73 11.55 -1.55
C TYR B 19 -8.74 10.46 -1.88
N TYR B 20 -9.29 9.28 -2.17
CA TYR B 20 -8.54 8.23 -2.82
C TYR B 20 -8.82 8.40 -4.31
N ILE B 21 -7.77 8.30 -5.11
CA ILE B 21 -7.92 8.22 -6.56
C ILE B 21 -7.98 6.74 -6.95
N LEU B 22 -9.19 6.29 -7.27
CA LEU B 22 -9.45 4.86 -7.51
C LEU B 22 -9.62 4.57 -9.00
N PRO B 23 -9.25 3.36 -9.45
CA PRO B 23 -9.56 3.01 -10.81
C PRO B 23 -11.09 2.94 -10.93
N ALA B 24 -11.63 3.42 -12.04
CA ALA B 24 -13.06 3.31 -12.28
C ALA B 24 -13.39 1.86 -12.63
N LYS B 25 -12.38 1.15 -13.15
CA LYS B 25 -12.46 -0.27 -13.52
C LYS B 25 -11.79 -1.11 -12.45
N GLN B 26 -12.49 -2.11 -11.91
CA GLN B 26 -11.87 -2.99 -10.89
C GLN B 26 -11.20 -4.19 -11.57
N GLY B 27 -10.42 -4.94 -10.80
CA GLY B 27 -9.74 -6.14 -11.31
C GLY B 27 -8.36 -5.89 -11.88
N LYS B 28 -7.98 -4.61 -11.95
CA LYS B 28 -6.71 -4.15 -12.54
C LYS B 28 -5.86 -3.42 -11.47
N GLY B 29 -5.84 -3.94 -10.24
CA GLY B 29 -5.10 -3.30 -9.14
C GLY B 29 -5.94 -2.25 -8.41
N GLY B 30 -5.38 -1.69 -7.34
CA GLY B 30 -6.12 -0.76 -6.47
C GLY B 30 -5.90 0.72 -6.77
N GLY B 31 -6.12 1.56 -5.76
CA GLY B 31 -6.02 3.00 -5.90
C GLY B 31 -4.57 3.46 -5.98
N LEU B 32 -4.37 4.73 -6.31
CA LEU B 32 -3.03 5.30 -6.40
C LEU B 32 -2.39 5.47 -5.04
N GLY B 33 -1.16 4.96 -4.92
CA GLY B 33 -0.31 5.16 -3.77
C GLY B 33 1.13 5.28 -4.22
N LEU B 34 2.05 4.74 -3.44
CA LEU B 34 3.47 4.86 -3.73
C LEU B 34 4.15 3.50 -3.91
N SER B 35 5.06 3.42 -4.89
CA SER B 35 5.94 2.26 -5.04
C SER B 35 7.34 2.76 -5.36
N ASN B 36 8.30 1.87 -5.16
CA ASN B 36 9.68 2.17 -5.40
C ASN B 36 9.98 1.69 -6.82
N ASP B 37 10.09 2.65 -7.73
CA ASP B 37 10.54 2.40 -9.11
C ASP B 37 11.88 3.15 -9.31
N ASP B 38 12.97 2.42 -9.09
CA ASP B 38 14.35 2.96 -9.11
C ASP B 38 14.52 4.18 -8.19
N ASP B 39 13.90 4.12 -7.02
CA ASP B 39 13.89 5.28 -6.10
C ASP B 39 14.79 5.14 -4.88
N GLY B 40 15.49 4.01 -4.79
CA GLY B 40 16.45 3.82 -3.70
C GLY B 40 15.77 3.15 -2.52
N ASN B 41 15.79 3.82 -1.37
CA ASN B 41 15.30 3.23 -0.14
C ASN B 41 13.88 3.67 0.22
N CYS B 42 13.25 4.46 -0.66
CA CYS B 42 11.97 5.11 -0.36
C CYS B 42 11.06 5.06 -1.60
N PRO B 43 9.79 4.62 -1.42
CA PRO B 43 8.83 4.58 -2.53
C PRO B 43 8.38 5.99 -2.93
N LEU B 44 8.82 6.44 -4.09
CA LEU B 44 8.60 7.81 -4.55
C LEU B 44 7.70 7.90 -5.75
N THR B 45 7.39 6.76 -6.37
CA THR B 45 6.70 6.71 -7.64
C THR B 45 5.22 6.46 -7.45
N VAL B 46 4.41 7.32 -8.06
CA VAL B 46 2.98 7.22 -7.97
C VAL B 46 2.53 6.04 -8.81
N SER B 47 1.84 5.10 -8.16
CA SER B 47 1.53 3.79 -8.75
C SER B 47 0.24 3.30 -8.17
N GLN B 48 -0.48 2.47 -8.92
CA GLN B 48 -1.59 1.73 -8.34
C GLN B 48 -1.06 0.71 -7.35
N THR B 49 -1.69 0.62 -6.20
CA THR B 49 -1.38 -0.49 -5.31
C THR B 49 -1.72 -1.81 -6.01
N PRO B 50 -0.85 -2.82 -5.89
CA PRO B 50 -1.12 -4.14 -6.46
C PRO B 50 -2.14 -4.92 -5.63
N ILE B 51 -2.59 -4.35 -4.52
CA ILE B 51 -3.65 -4.92 -3.73
C ILE B 51 -4.97 -4.46 -4.30
N ASP B 52 -5.73 -5.42 -4.81
CA ASP B 52 -7.03 -5.08 -5.35
C ASP B 52 -8.01 -4.85 -4.19
N LEU B 53 -8.01 -3.61 -3.72
CA LEU B 53 -8.99 -3.08 -2.76
C LEU B 53 -9.32 -1.64 -3.15
N PRO B 54 -10.56 -1.20 -2.88
CA PRO B 54 -11.04 0.13 -3.27
C PRO B 54 -10.47 1.24 -2.38
N ILE B 55 -9.15 1.27 -2.27
CA ILE B 55 -8.43 2.10 -1.31
C ILE B 55 -7.09 2.49 -1.94
N GLY B 56 -6.62 3.70 -1.63
CA GLY B 56 -5.31 4.13 -2.14
C GLY B 56 -4.54 4.75 -1.00
N LEU B 57 -3.87 5.85 -1.30
CA LEU B 57 -3.31 6.75 -0.28
C LEU B 57 -4.05 8.05 -0.44
N PRO B 58 -4.44 8.69 0.67
CA PRO B 58 -5.29 9.87 0.57
C PRO B 58 -4.56 11.04 -0.08
N VAL B 59 -5.30 11.78 -0.88
CA VAL B 59 -4.77 12.88 -1.65
C VAL B 59 -5.58 14.13 -1.31
N ARG B 60 -4.91 15.27 -1.28
CA ARG B 60 -5.55 16.56 -1.21
C ARG B 60 -5.32 17.31 -2.53
N PHE B 61 -6.39 17.90 -3.05
CA PHE B 61 -6.38 18.74 -4.24
C PHE B 61 -6.31 20.21 -3.83
N SER B 62 -5.37 20.95 -4.43
CA SER B 62 -5.17 22.35 -4.10
C SER B 62 -4.91 23.16 -5.34
N SER B 63 -5.60 24.29 -5.45
CA SER B 63 -5.47 25.22 -6.55
C SER B 63 -5.26 26.61 -5.94
N ARG B 64 -4.55 27.48 -6.66
CA ARG B 64 -4.40 28.87 -6.22
C ARG B 64 -5.75 29.57 -6.18
N ALA B 65 -6.62 29.26 -7.14
CA ALA B 65 -7.99 29.77 -7.16
C ALA B 65 -8.82 29.10 -6.08
N ARG B 66 -9.28 29.90 -5.13
CA ARG B 66 -9.79 29.38 -3.86
C ARG B 66 -11.31 29.32 -3.84
N ILE B 67 -11.88 28.76 -4.90
CA ILE B 67 -13.29 28.40 -4.96
C ILE B 67 -13.49 27.09 -4.17
N SER B 68 -14.75 26.73 -3.89
CA SER B 68 -15.02 25.56 -3.02
C SER B 68 -14.76 24.20 -3.70
N HIS B 69 -14.97 24.14 -5.01
CA HIS B 69 -14.99 22.87 -5.72
C HIS B 69 -13.96 22.80 -6.84
N ILE B 70 -13.57 21.56 -7.14
CA ILE B 70 -12.65 21.26 -8.22
C ILE B 70 -13.49 21.20 -9.47
N THR B 71 -13.05 21.88 -10.52
CA THR B 71 -13.63 21.75 -11.86
C THR B 71 -12.53 21.33 -12.83
N THR B 72 -12.96 20.97 -14.03
CA THR B 72 -12.07 20.60 -15.12
C THR B 72 -11.29 21.77 -15.71
N ALA B 73 -11.56 22.99 -15.26
CA ALA B 73 -10.80 24.18 -15.67
C ALA B 73 -9.66 24.54 -14.72
N LEU B 74 -9.61 23.94 -13.54
CA LEU B 74 -8.65 24.39 -12.53
C LEU B 74 -7.30 23.77 -12.73
N SER B 75 -6.27 24.57 -12.49
CA SER B 75 -4.89 24.07 -12.41
C SER B 75 -4.63 23.65 -10.98
N LEU B 76 -4.14 22.42 -10.80
CA LEU B 76 -4.10 21.77 -9.49
C LEU B 76 -2.74 21.28 -9.10
N ASN B 77 -2.46 21.39 -7.80
CA ASN B 77 -1.47 20.54 -7.17
C ASN B 77 -2.14 19.36 -6.48
N ILE B 78 -1.44 18.23 -6.46
CA ILE B 78 -1.90 17.01 -5.83
C ILE B 78 -0.80 16.57 -4.87
N GLU B 79 -1.16 16.27 -3.63
CA GLU B 79 -0.19 15.70 -2.71
C GLU B 79 -0.82 14.62 -1.88
N PHE B 80 -0.01 13.62 -1.56
CA PHE B 80 -0.41 12.59 -0.60
C PHE B 80 -0.35 13.18 0.79
N THR B 81 -1.45 13.04 1.53
CA THR B 81 -1.51 13.56 2.89
C THR B 81 -0.95 12.58 3.92
N ILE B 82 -0.87 11.30 3.55
CA ILE B 82 -0.17 10.29 4.37
C ILE B 82 0.91 9.73 3.45
N ALA B 83 2.14 9.65 3.93
CA ALA B 83 3.25 9.16 3.11
C ALA B 83 4.22 8.42 4.00
N PRO B 84 5.18 7.68 3.43
CA PRO B 84 6.12 6.99 4.32
C PRO B 84 7.03 7.97 5.02
N ALA B 85 7.59 7.59 6.17
CA ALA B 85 8.45 8.46 6.96
C ALA B 85 9.57 9.03 6.11
N CYS B 86 10.08 8.24 5.17
CA CYS B 86 11.20 8.63 4.33
C CYS B 86 10.85 9.65 3.23
N ALA B 87 9.55 9.83 2.95
CA ALA B 87 9.08 10.66 1.83
C ALA B 87 9.37 12.14 2.04
N PRO B 88 9.54 12.89 0.94
CA PRO B 88 9.60 14.35 1.07
C PRO B 88 8.30 14.92 1.62
N LYS B 89 8.38 16.03 2.34
CA LYS B 89 7.19 16.73 2.83
C LYS B 89 7.23 18.15 2.24
N PRO B 90 6.14 18.59 1.59
CA PRO B 90 4.95 17.78 1.29
C PRO B 90 5.26 16.68 0.27
N ALA B 91 4.39 15.68 0.21
CA ALA B 91 4.53 14.62 -0.78
C ALA B 91 3.80 15.08 -2.04
N ARG B 92 4.35 16.09 -2.70
CA ARG B 92 3.69 16.75 -3.82
C ARG B 92 3.98 16.02 -5.12
N TRP B 93 2.95 15.77 -5.92
CA TRP B 93 3.16 15.03 -7.15
C TRP B 93 3.83 15.90 -8.19
N ARG B 94 4.80 15.34 -8.91
CA ARG B 94 5.35 16.03 -10.05
C ARG B 94 5.98 15.04 -11.03
N ILE B 95 6.08 15.49 -12.29
CA ILE B 95 6.59 14.63 -13.34
C ILE B 95 8.09 14.51 -13.17
N PHE B 96 8.63 13.30 -13.32
CA PHE B 96 10.06 13.05 -13.23
C PHE B 96 10.69 13.45 -14.57
N ASN B 97 11.89 14.01 -14.51
CA ASN B 97 12.51 14.58 -15.71
C ASN B 97 13.33 13.57 -16.49
N GLU B 98 13.14 12.27 -16.23
CA GLU B 98 13.91 11.22 -16.90
C GLU B 98 13.02 10.03 -17.29
N GLN B 99 13.30 9.43 -18.45
CA GLN B 99 12.75 8.13 -18.80
C GLN B 99 13.80 7.10 -18.47
N SER B 100 13.41 6.05 -17.75
CA SER B 100 14.31 4.93 -17.46
C SER B 100 14.86 4.38 -18.77
N SER B 101 16.13 3.98 -18.77
CA SER B 101 16.81 3.63 -20.01
C SER B 101 16.18 2.42 -20.72
N GLU B 102 15.79 1.37 -19.97
CA GLU B 102 15.22 0.16 -20.57
C GLU B 102 13.71 0.13 -20.40
N LYS B 103 13.26 0.35 -19.17
CA LYS B 103 11.84 0.28 -18.88
C LYS B 103 11.11 1.43 -19.59
N GLY B 104 11.72 2.61 -19.62
CA GLY B 104 11.15 3.75 -20.31
C GLY B 104 9.90 4.30 -19.64
N TYR B 105 9.28 5.26 -20.32
CA TYR B 105 8.16 6.08 -19.82
C TYR B 105 8.60 7.13 -18.82
N THR B 106 7.74 8.13 -18.64
CA THR B 106 8.00 9.26 -17.77
C THR B 106 7.00 9.20 -16.61
N PRO B 107 7.45 8.77 -15.42
CA PRO B 107 6.56 8.53 -14.27
C PRO B 107 6.28 9.78 -13.43
N VAL B 108 5.12 9.81 -12.78
CA VAL B 108 4.86 10.82 -11.77
C VAL B 108 5.54 10.36 -10.50
N LYS B 109 6.29 11.25 -9.87
CA LYS B 109 6.93 10.94 -8.59
C LYS B 109 6.49 11.99 -7.56
N ILE B 110 6.84 11.77 -6.31
CA ILE B 110 6.58 12.78 -5.29
C ILE B 110 7.91 13.48 -5.00
N SER B 111 7.78 14.78 -4.72
CA SER B 111 8.91 15.66 -4.51
C SER B 111 8.43 16.82 -3.64
N ASP B 112 9.33 17.40 -2.84
CA ASP B 112 8.99 18.64 -2.12
C ASP B 112 9.34 19.88 -2.94
N ASP B 113 9.70 19.66 -4.21
CA ASP B 113 10.03 20.76 -5.13
C ASP B 113 8.92 21.78 -5.26
N PHE B 114 9.34 23.04 -5.37
CA PHE B 114 8.43 24.15 -5.62
C PHE B 114 8.11 24.19 -7.10
N SER B 115 6.88 24.59 -7.44
CA SER B 115 6.56 24.95 -8.82
C SER B 115 5.74 26.23 -8.80
N SER B 116 6.06 27.14 -9.72
CA SER B 116 5.27 28.37 -9.89
C SER B 116 3.89 28.02 -10.43
N ALA B 117 3.83 26.96 -11.25
CA ALA B 117 2.60 26.54 -11.92
C ALA B 117 2.07 25.27 -11.31
N ALA B 118 0.74 25.19 -11.20
CA ALA B 118 0.06 23.95 -10.81
C ALA B 118 -0.15 23.07 -12.05
N PRO B 119 0.55 21.93 -12.13
CA PRO B 119 0.61 21.20 -13.37
C PRO B 119 -0.54 20.25 -13.68
N PHE B 120 -1.32 19.85 -12.67
CA PHE B 120 -2.33 18.84 -12.91
C PHE B 120 -3.66 19.45 -13.27
N GLN B 121 -4.43 18.69 -14.04
CA GLN B 121 -5.86 18.95 -14.12
C GLN B 121 -6.58 17.63 -14.13
N ILE B 122 -7.86 17.70 -13.75
CA ILE B 122 -8.79 16.59 -13.83
C ILE B 122 -9.74 16.92 -14.97
N LYS B 123 -9.92 15.99 -15.89
CA LYS B 123 -10.84 16.19 -17.01
C LYS B 123 -11.82 15.07 -17.00
N LYS B 124 -12.97 15.30 -17.62
CA LYS B 124 -13.98 14.27 -17.75
C LYS B 124 -13.41 13.19 -18.69
N PHE B 125 -13.73 11.93 -18.43
CA PHE B 125 -13.33 10.86 -19.32
C PHE B 125 -14.39 9.79 -19.24
N GLU B 126 -15.11 9.64 -20.34
CA GLU B 126 -16.25 8.76 -20.40
C GLU B 126 -17.25 9.16 -19.30
N GLU B 127 -17.57 8.24 -18.40
CA GLU B 127 -18.53 8.48 -17.32
C GLU B 127 -17.84 8.96 -16.03
N ASP B 128 -16.51 8.92 -16.04
CA ASP B 128 -15.70 9.21 -14.85
C ASP B 128 -14.69 10.29 -15.25
N TYR B 129 -13.41 10.09 -14.95
CA TYR B 129 -12.44 11.17 -15.13
C TYR B 129 -11.08 10.67 -15.53
N LYS B 130 -10.20 11.61 -15.86
CA LYS B 130 -8.78 11.34 -16.06
C LYS B 130 -7.92 12.45 -15.45
N LEU B 131 -6.65 12.13 -15.25
CA LEU B 131 -5.67 13.09 -14.78
C LEU B 131 -4.82 13.43 -15.96
N VAL B 132 -4.47 14.71 -16.09
CA VAL B 132 -3.60 15.17 -17.13
C VAL B 132 -2.53 16.01 -16.47
N TYR B 133 -1.36 16.00 -17.08
CA TYR B 133 -0.25 16.82 -16.62
C TYR B 133 0.04 17.90 -17.63
N CYS B 134 0.05 19.15 -17.16
CA CYS B 134 0.27 20.31 -18.02
C CYS B 134 1.61 20.95 -17.64
N SER B 135 2.58 20.86 -18.53
CA SER B 135 3.92 21.28 -18.21
C SER B 135 4.26 22.57 -18.92
N LYS B 136 4.62 23.60 -18.14
CA LYS B 136 5.02 24.90 -18.67
C LYS B 136 6.49 24.85 -19.07
N SER B 137 6.82 25.43 -20.22
CA SER B 137 8.20 25.44 -20.73
C SER B 137 9.04 26.57 -20.10
N ARG B 142 2.79 25.97 -22.13
CA ARG B 142 2.37 24.75 -21.45
C ARG B 142 1.48 23.87 -22.31
N LYS B 143 1.65 22.56 -22.18
CA LYS B 143 0.87 21.58 -22.94
C LYS B 143 0.44 20.39 -22.06
N CYS B 144 -0.80 19.95 -22.21
CA CYS B 144 -1.37 18.94 -21.31
C CYS B 144 -1.35 17.54 -21.92
N VAL B 145 -0.92 16.55 -21.13
CA VAL B 145 -0.74 15.16 -21.58
C VAL B 145 -1.46 14.21 -20.63
N ASP B 146 -2.25 13.27 -21.16
CA ASP B 146 -2.99 12.31 -20.33
C ASP B 146 -2.02 11.48 -19.49
N LEU B 147 -2.44 11.17 -18.27
CA LEU B 147 -1.71 10.29 -17.39
C LEU B 147 -2.37 8.92 -17.46
N GLY B 148 -1.58 7.89 -17.73
CA GLY B 148 -2.09 6.54 -17.87
C GLY B 148 -1.21 5.61 -17.07
N ILE B 149 -1.63 4.34 -16.98
CA ILE B 149 -0.91 3.33 -16.21
C ILE B 149 -0.07 2.44 -17.13
N LYS B 150 1.22 2.27 -16.82
CA LYS B 150 2.07 1.27 -17.52
C LYS B 150 2.57 0.25 -16.53
N ILE B 151 2.28 -1.02 -16.80
CA ILE B 151 2.77 -2.10 -15.96
C ILE B 151 4.17 -2.48 -16.43
N ASP B 152 5.13 -2.57 -15.51
CA ASP B 152 6.48 -3.04 -15.85
C ASP B 152 6.61 -4.53 -15.50
N ASP B 153 7.80 -5.09 -15.68
CA ASP B 153 8.01 -6.55 -15.74
C ASP B 153 7.80 -7.58 -14.58
N GLU B 154 8.24 -7.46 -13.31
CA GLU B 154 8.35 -6.27 -12.42
C GLU B 154 6.98 -5.94 -11.78
N LYS B 155 5.99 -5.66 -12.61
CA LYS B 155 4.58 -5.51 -12.19
C LYS B 155 4.21 -4.27 -11.35
N ASN B 156 5.09 -3.28 -11.26
CA ASN B 156 4.68 -1.99 -10.71
C ASN B 156 3.72 -1.36 -11.73
N ARG B 157 2.56 -0.89 -11.26
CA ARG B 157 1.58 -0.24 -12.12
C ARG B 157 1.83 1.26 -12.02
N ARG B 158 2.82 1.76 -12.76
CA ARG B 158 3.25 3.16 -12.63
C ARG B 158 2.35 4.18 -13.36
N LEU B 159 2.13 5.34 -12.74
CA LEU B 159 1.41 6.41 -13.40
C LEU B 159 2.41 7.19 -14.23
N VAL B 160 2.19 7.24 -15.54
CA VAL B 160 3.15 7.81 -16.47
C VAL B 160 2.44 8.67 -17.49
N LEU B 161 3.20 9.48 -18.23
CA LEU B 161 2.65 10.19 -19.39
C LEU B 161 2.22 9.18 -20.42
N LYS B 162 1.00 9.27 -20.90
CA LYS B 162 0.45 8.22 -21.77
C LYS B 162 -0.73 8.73 -22.61
N GLU B 163 -0.43 9.67 -23.48
CA GLU B 163 -1.46 10.46 -24.15
C GLU B 163 -2.64 9.67 -24.73
N GLY B 164 -2.40 8.57 -25.41
CA GLY B 164 -3.55 7.84 -25.97
C GLY B 164 -4.48 7.19 -24.94
N ASP B 165 -3.96 6.99 -23.74
CA ASP B 165 -4.40 5.89 -22.88
C ASP B 165 -4.62 6.30 -21.42
N PRO B 166 -5.50 7.30 -21.20
CA PRO B 166 -5.67 7.78 -19.83
C PRO B 166 -6.19 6.70 -18.89
N PHE B 167 -5.69 6.75 -17.66
CA PHE B 167 -6.14 5.89 -16.57
C PHE B 167 -7.44 6.48 -16.08
N LYS B 168 -8.55 5.76 -16.29
CA LYS B 168 -9.87 6.26 -15.90
C LYS B 168 -9.99 6.12 -14.40
N VAL B 169 -10.34 7.22 -13.74
CA VAL B 169 -10.39 7.26 -12.29
C VAL B 169 -11.66 7.87 -11.75
N LYS B 170 -11.91 7.58 -10.49
CA LYS B 170 -12.99 8.18 -9.73
C LYS B 170 -12.41 8.57 -8.40
N PHE B 171 -13.15 9.34 -7.64
CA PHE B 171 -12.61 9.97 -6.45
C PHE B 171 -13.47 9.61 -5.24
N LYS B 172 -12.91 8.80 -4.34
CA LYS B 172 -13.62 8.37 -3.15
C LYS B 172 -13.23 9.24 -1.96
N LYS B 173 -14.22 9.91 -1.39
CA LYS B 173 -14.02 10.78 -0.24
C LYS B 173 -13.50 9.98 0.98
N VAL B 174 -12.41 10.43 1.57
CA VAL B 174 -11.89 9.87 2.82
C VAL B 174 -12.46 10.64 4.02
N ASP B 175 -13.60 10.16 4.51
CA ASP B 175 -13.99 10.31 5.92
C ASP B 175 -14.33 8.88 6.29
N GLU B 176 -15.24 8.33 5.49
CA GLU B 176 -15.39 6.89 5.25
C GLU B 176 -14.02 6.22 5.13
#